data_1XJ7
#
_entry.id   1XJ7
#
_cell.length_a   53.058
_cell.length_b   66.831
_cell.length_c   71.077
_cell.angle_alpha   90.00
_cell.angle_beta   90.00
_cell.angle_gamma   90.00
#
_symmetry.space_group_name_H-M   'P 21 21 21'
#
loop_
_entity.id
_entity.type
_entity.pdbx_description
1 polymer 'Androgen receptor'
2 polymer 'RAC3 derived peptide'
3 non-polymer 5-ALPHA-DIHYDROTESTOSTERONE
4 water water
#
loop_
_entity_poly.entity_id
_entity_poly.type
_entity_poly.pdbx_seq_one_letter_code
_entity_poly.pdbx_strand_id
1 'polypeptide(L)'
;HIEGYECQPIFLNVLEAIEPGVVCAGHDNNQPDSFAALLSSLNELGERQLVHVVKWAKALPGFRNLHVDDQMAVIQYSWM
GLMVFAMGWRSFTNVNSRMLYFAPDLVFNEYRMHKSRMYSQCVRMRHLSQEFGWLQITPQEFLCMKALLLFSIIPVDGLK
NQKFFDELRMNYIKELDRIIACKRKNPTSCSRRFYQLTKLLDSVQPIARELHQFTFDLLIKSHMVSVDFPEMMAEIISVQ
VPKILSGKVKPIYFHTQ
;
A
2 'polypeptide(L)' HKKLLQLLT B
#
# COMPACT_ATOMS: atom_id res chain seq x y z
N HIS A 1 -18.30 16.77 -8.58
CA HIS A 1 -19.64 17.23 -9.04
C HIS A 1 -19.98 16.78 -10.46
N ILE A 2 -19.66 15.52 -10.78
CA ILE A 2 -19.95 14.97 -12.10
C ILE A 2 -21.44 14.99 -12.40
N GLU A 3 -21.91 16.11 -12.95
CA GLU A 3 -23.31 16.30 -13.30
C GLU A 3 -23.45 16.91 -14.69
N GLY A 4 -24.64 16.81 -15.26
CA GLY A 4 -24.90 17.35 -16.59
C GLY A 4 -25.05 16.26 -17.63
N TYR A 5 -23.91 15.79 -18.17
CA TYR A 5 -23.90 14.75 -19.19
C TYR A 5 -22.49 14.26 -19.55
N GLU A 6 -21.48 15.05 -19.18
CA GLU A 6 -20.08 14.72 -19.45
C GLU A 6 -19.15 15.23 -18.34
N CYS A 7 -17.86 15.31 -18.63
CA CYS A 7 -16.85 15.79 -17.68
C CYS A 7 -16.64 14.86 -16.48
N GLN A 8 -15.45 14.95 -15.90
CA GLN A 8 -15.03 14.18 -14.72
C GLN A 8 -14.19 12.91 -14.95
N PRO A 9 -14.27 12.29 -16.14
CA PRO A 9 -13.45 11.09 -16.31
C PRO A 9 -11.96 11.37 -16.10
N ILE A 10 -11.58 12.63 -16.21
CA ILE A 10 -10.20 13.03 -16.06
C ILE A 10 -9.46 12.29 -14.97
N PHE A 11 -9.87 12.54 -13.74
CA PHE A 11 -9.25 11.94 -12.59
C PHE A 11 -9.13 10.43 -12.73
N LEU A 12 -10.27 9.77 -12.91
CA LEU A 12 -10.27 8.33 -13.03
C LEU A 12 -9.33 7.83 -14.13
N ASN A 13 -8.95 8.70 -15.06
CA ASN A 13 -8.07 8.31 -16.15
C ASN A 13 -6.63 8.25 -15.69
N VAL A 14 -6.26 9.18 -14.84
CA VAL A 14 -4.91 9.25 -14.31
C VAL A 14 -4.51 7.93 -13.66
N LEU A 15 -5.09 7.62 -12.51
CA LEU A 15 -4.78 6.40 -11.79
C LEU A 15 -4.56 5.19 -12.69
N GLU A 16 -5.43 5.04 -13.68
CA GLU A 16 -5.39 3.95 -14.66
C GLU A 16 -4.19 4.11 -15.58
N ALA A 17 -4.07 5.30 -16.16
CA ALA A 17 -2.98 5.62 -17.07
C ALA A 17 -1.62 5.66 -16.40
N ILE A 18 -1.60 5.63 -15.05
CA ILE A 18 -0.33 5.68 -14.29
C ILE A 18 -0.13 4.49 -13.32
N GLU A 19 -0.97 3.47 -13.43
CA GLU A 19 -0.87 2.31 -12.57
C GLU A 19 0.30 1.46 -13.04
N PRO A 20 1.26 1.24 -12.14
CA PRO A 20 2.44 0.45 -12.47
C PRO A 20 2.12 -0.90 -13.10
N GLY A 21 3.08 -1.44 -13.84
CA GLY A 21 2.86 -2.71 -14.50
C GLY A 21 3.15 -3.89 -13.60
N VAL A 22 3.67 -4.97 -14.18
CA VAL A 22 3.99 -6.17 -13.42
C VAL A 22 5.40 -6.04 -12.83
N VAL A 23 5.62 -6.69 -11.68
CA VAL A 23 6.92 -6.62 -11.04
C VAL A 23 7.44 -7.99 -10.60
N CYS A 24 8.65 -8.33 -11.03
CA CYS A 24 9.24 -9.60 -10.64
C CYS A 24 10.13 -9.44 -9.41
N ALA A 25 10.20 -10.48 -8.59
CA ALA A 25 11.02 -10.40 -7.39
C ALA A 25 12.41 -10.91 -7.68
N GLY A 26 12.50 -11.97 -8.48
CA GLY A 26 13.79 -12.54 -8.81
C GLY A 26 14.08 -13.78 -7.98
N HIS A 27 13.01 -14.44 -7.54
CA HIS A 27 13.09 -15.65 -6.73
C HIS A 27 12.90 -16.91 -7.57
N ASP A 28 13.97 -17.71 -7.68
CA ASP A 28 13.94 -18.96 -8.43
C ASP A 28 13.19 -20.01 -7.61
N ASN A 29 11.95 -20.27 -8.01
CA ASN A 29 11.10 -21.22 -7.31
C ASN A 29 11.68 -22.63 -7.39
N ASN A 30 12.58 -22.86 -8.35
CA ASN A 30 13.16 -24.18 -8.51
C ASN A 30 14.22 -24.48 -7.44
N GLN A 31 13.97 -24.01 -6.22
CA GLN A 31 14.88 -24.25 -5.10
C GLN A 31 14.15 -24.51 -3.79
N PRO A 32 14.70 -25.40 -2.94
CA PRO A 32 14.11 -25.74 -1.65
C PRO A 32 13.66 -24.51 -0.86
N ASP A 33 12.37 -24.44 -0.54
CA ASP A 33 11.81 -23.32 0.20
C ASP A 33 12.37 -23.24 1.60
N SER A 34 13.17 -22.20 1.86
CA SER A 34 13.77 -22.01 3.15
C SER A 34 13.42 -20.62 3.62
N PHE A 35 13.40 -20.42 4.93
CA PHE A 35 13.11 -19.11 5.50
C PHE A 35 14.06 -18.04 4.96
N ALA A 36 15.25 -18.47 4.56
CA ALA A 36 16.25 -17.54 4.05
C ALA A 36 15.86 -17.02 2.68
N ALA A 37 15.93 -17.91 1.69
CA ALA A 37 15.61 -17.56 0.31
C ALA A 37 14.26 -16.85 0.19
N LEU A 38 13.27 -17.31 0.94
CA LEU A 38 11.96 -16.69 0.92
C LEU A 38 11.99 -15.23 1.36
N LEU A 39 12.15 -15.00 2.66
CA LEU A 39 12.19 -13.64 3.18
C LEU A 39 13.19 -12.75 2.45
N SER A 40 14.29 -13.34 2.00
CA SER A 40 15.30 -12.58 1.27
C SER A 40 14.74 -12.12 -0.07
N SER A 41 13.86 -12.93 -0.64
CA SER A 41 13.22 -12.61 -1.93
C SER A 41 12.19 -11.51 -1.74
N LEU A 42 11.33 -11.67 -0.73
CA LEU A 42 10.30 -10.66 -0.46
C LEU A 42 10.98 -9.34 -0.21
N ASN A 43 12.17 -9.39 0.38
CA ASN A 43 12.90 -8.18 0.66
C ASN A 43 13.36 -7.53 -0.63
N GLU A 44 13.80 -8.37 -1.57
CA GLU A 44 14.26 -7.88 -2.87
C GLU A 44 13.07 -7.33 -3.62
N LEU A 45 11.90 -7.92 -3.38
CA LEU A 45 10.68 -7.48 -4.03
C LEU A 45 10.32 -6.11 -3.50
N GLY A 46 10.47 -5.92 -2.19
CA GLY A 46 10.12 -4.65 -1.58
C GLY A 46 10.82 -3.49 -2.24
N GLU A 47 12.13 -3.62 -2.42
CA GLU A 47 12.94 -2.58 -3.05
C GLU A 47 12.42 -2.34 -4.47
N ARG A 48 12.25 -3.42 -5.20
CA ARG A 48 11.77 -3.34 -6.57
C ARG A 48 10.38 -2.72 -6.64
N GLN A 49 9.65 -2.80 -5.54
CA GLN A 49 8.32 -2.23 -5.53
C GLN A 49 8.36 -0.76 -5.15
N LEU A 50 9.36 -0.38 -4.37
CA LEU A 50 9.51 0.98 -3.92
C LEU A 50 9.68 1.97 -5.07
N VAL A 51 10.61 1.68 -5.97
CA VAL A 51 10.87 2.55 -7.10
C VAL A 51 9.61 2.90 -7.87
N HIS A 52 8.80 1.89 -8.19
CA HIS A 52 7.57 2.09 -8.93
C HIS A 52 6.64 3.01 -8.14
N VAL A 53 6.46 2.69 -6.87
CA VAL A 53 5.59 3.51 -6.06
C VAL A 53 6.04 4.95 -6.08
N VAL A 54 7.36 5.14 -6.18
CA VAL A 54 7.92 6.47 -6.20
C VAL A 54 7.48 7.18 -7.48
N LYS A 55 7.70 6.52 -8.59
CA LYS A 55 7.34 7.13 -9.86
C LYS A 55 5.82 7.28 -9.90
N TRP A 56 5.15 6.24 -9.42
CA TRP A 56 3.70 6.19 -9.37
C TRP A 56 3.16 7.39 -8.60
N ALA A 57 3.72 7.64 -7.42
CA ALA A 57 3.31 8.78 -6.57
C ALA A 57 3.57 10.15 -7.22
N LYS A 58 4.75 10.37 -7.78
CA LYS A 58 5.05 11.64 -8.43
C LYS A 58 4.08 11.92 -9.61
N ALA A 59 3.38 10.90 -10.09
CA ALA A 59 2.47 11.14 -11.19
C ALA A 59 1.10 11.52 -10.65
N LEU A 60 0.83 11.18 -9.40
CA LEU A 60 -0.46 11.52 -8.79
C LEU A 60 -0.80 12.99 -8.92
N PRO A 61 -2.09 13.30 -9.08
CA PRO A 61 -2.57 14.67 -9.21
C PRO A 61 -2.28 15.48 -7.98
N GLY A 62 -1.80 16.69 -8.18
CA GLY A 62 -1.50 17.56 -7.05
C GLY A 62 -0.45 17.04 -6.10
N PHE A 63 0.03 15.83 -6.34
CA PHE A 63 1.05 15.28 -5.46
C PHE A 63 2.31 16.15 -5.44
N ARG A 64 2.64 16.67 -6.62
CA ARG A 64 3.83 17.50 -6.78
C ARG A 64 3.76 18.79 -5.97
N ASN A 65 2.56 19.23 -5.64
CA ASN A 65 2.41 20.45 -4.88
C ASN A 65 2.79 20.24 -3.42
N LEU A 66 3.19 19.02 -3.08
CA LEU A 66 3.62 18.70 -1.73
C LEU A 66 5.09 19.04 -1.57
N HIS A 67 5.51 19.30 -0.35
CA HIS A 67 6.90 19.63 -0.05
C HIS A 67 7.77 18.39 -0.27
N VAL A 68 8.99 18.61 -0.72
CA VAL A 68 9.89 17.50 -0.98
C VAL A 68 10.00 16.57 0.22
N ASP A 69 10.62 17.06 1.28
CA ASP A 69 10.81 16.27 2.48
C ASP A 69 9.50 15.57 2.86
N ASP A 70 8.38 16.23 2.62
CA ASP A 70 7.12 15.63 2.95
C ASP A 70 6.89 14.44 2.04
N GLN A 71 6.95 14.70 0.73
CA GLN A 71 6.77 13.64 -0.26
C GLN A 71 7.62 12.47 0.13
N MET A 72 8.91 12.72 0.36
CA MET A 72 9.81 11.65 0.75
C MET A 72 9.35 10.98 2.04
N ALA A 73 8.81 11.79 2.94
CA ALA A 73 8.35 11.29 4.21
C ALA A 73 7.15 10.39 4.02
N VAL A 74 6.05 10.99 3.56
CA VAL A 74 4.81 10.25 3.36
C VAL A 74 5.00 8.93 2.66
N ILE A 75 5.76 8.96 1.57
CA ILE A 75 6.02 7.75 0.79
C ILE A 75 6.76 6.74 1.64
N GLN A 76 7.65 7.24 2.50
CA GLN A 76 8.44 6.39 3.38
C GLN A 76 7.61 5.75 4.47
N TYR A 77 6.35 6.17 4.61
CA TYR A 77 5.49 5.59 5.63
C TYR A 77 4.46 4.61 5.09
N SER A 78 3.45 5.14 4.41
CA SER A 78 2.39 4.32 3.86
C SER A 78 2.84 3.33 2.82
N TRP A 79 4.13 3.27 2.52
CA TRP A 79 4.62 2.33 1.51
C TRP A 79 4.17 0.91 1.82
N MET A 80 4.27 0.55 3.08
CA MET A 80 3.89 -0.78 3.50
C MET A 80 2.41 -1.02 3.22
N GLY A 81 1.58 -0.08 3.68
CA GLY A 81 0.15 -0.20 3.48
C GLY A 81 -0.24 -0.37 2.03
N LEU A 82 0.35 0.44 1.17
CA LEU A 82 0.08 0.39 -0.24
C LEU A 82 0.33 -0.99 -0.85
N MET A 83 1.59 -1.40 -0.78
CA MET A 83 2.04 -2.67 -1.34
C MET A 83 1.13 -3.80 -0.92
N VAL A 84 0.77 -3.80 0.36
CA VAL A 84 -0.09 -4.86 0.83
C VAL A 84 -1.40 -4.81 0.10
N PHE A 85 -1.92 -3.61 -0.11
CA PHE A 85 -3.19 -3.46 -0.81
C PHE A 85 -3.05 -3.92 -2.28
N ALA A 86 -2.04 -3.39 -2.97
CA ALA A 86 -1.81 -3.74 -4.35
C ALA A 86 -1.72 -5.25 -4.49
N MET A 87 -0.91 -5.84 -3.62
CA MET A 87 -0.71 -7.28 -3.61
C MET A 87 -2.05 -7.97 -3.39
N GLY A 88 -2.89 -7.37 -2.55
CA GLY A 88 -4.21 -7.93 -2.30
C GLY A 88 -5.05 -7.91 -3.56
N TRP A 89 -4.94 -6.83 -4.32
CA TRP A 89 -5.69 -6.71 -5.55
C TRP A 89 -5.18 -7.70 -6.59
N ARG A 90 -3.91 -8.10 -6.47
CA ARG A 90 -3.32 -9.05 -7.39
C ARG A 90 -3.82 -10.45 -7.09
N SER A 91 -3.72 -10.86 -5.83
CA SER A 91 -4.15 -12.18 -5.41
C SER A 91 -5.64 -12.40 -5.68
N PHE A 92 -6.38 -11.31 -5.78
CA PHE A 92 -7.82 -11.41 -6.04
C PHE A 92 -8.10 -11.71 -7.51
N THR A 93 -7.79 -10.76 -8.38
CA THR A 93 -8.05 -10.92 -9.80
C THR A 93 -7.30 -12.11 -10.39
N ASN A 94 -6.26 -12.56 -9.71
CA ASN A 94 -5.48 -13.69 -10.20
C ASN A 94 -5.89 -15.03 -9.60
N VAL A 95 -5.24 -15.42 -8.50
CA VAL A 95 -5.52 -16.68 -7.83
C VAL A 95 -6.88 -16.72 -7.12
N ASN A 96 -7.75 -15.79 -7.49
CA ASN A 96 -9.08 -15.70 -6.89
C ASN A 96 -9.07 -15.90 -5.39
N SER A 97 -8.35 -15.03 -4.69
CA SER A 97 -8.25 -15.10 -3.23
C SER A 97 -8.08 -16.52 -2.70
N ARG A 98 -6.84 -17.00 -2.69
CA ARG A 98 -6.56 -18.34 -2.22
C ARG A 98 -5.07 -18.47 -2.00
N MET A 99 -4.29 -17.71 -2.76
CA MET A 99 -2.83 -17.70 -2.62
C MET A 99 -2.31 -16.26 -2.59
N LEU A 100 -1.18 -16.03 -1.91
CA LEU A 100 -0.64 -14.69 -1.85
C LEU A 100 0.25 -14.38 -3.03
N TYR A 101 -0.37 -13.86 -4.09
CA TYR A 101 0.35 -13.51 -5.30
C TYR A 101 1.16 -12.24 -5.09
N PHE A 102 2.41 -12.40 -4.62
CA PHE A 102 3.30 -11.26 -4.41
C PHE A 102 3.92 -10.82 -5.73
N ALA A 103 4.28 -11.78 -6.56
CA ALA A 103 4.89 -11.53 -7.87
C ALA A 103 4.79 -12.77 -8.75
N PRO A 104 4.85 -12.59 -10.07
CA PRO A 104 4.76 -13.71 -10.99
C PRO A 104 5.68 -14.87 -10.57
N ASP A 105 6.90 -14.55 -10.11
CA ASP A 105 7.84 -15.59 -9.71
C ASP A 105 7.81 -15.93 -8.25
N LEU A 106 6.84 -15.35 -7.56
CA LEU A 106 6.68 -15.57 -6.13
C LEU A 106 5.22 -15.64 -5.71
N VAL A 107 4.69 -16.87 -5.66
CA VAL A 107 3.31 -17.15 -5.25
C VAL A 107 3.33 -17.88 -3.90
N PHE A 108 2.80 -17.22 -2.89
CA PHE A 108 2.82 -17.80 -1.57
C PHE A 108 1.70 -18.75 -1.31
N ASN A 109 2.01 -20.04 -1.29
CA ASN A 109 1.02 -21.07 -1.03
C ASN A 109 1.11 -21.40 0.44
N GLU A 110 0.11 -22.11 0.94
CA GLU A 110 0.07 -22.51 2.36
C GLU A 110 1.43 -22.87 2.91
N TYR A 111 2.09 -23.80 2.26
CA TYR A 111 3.41 -24.23 2.70
C TYR A 111 4.37 -23.07 2.98
N ARG A 112 4.63 -22.26 1.96
CA ARG A 112 5.52 -21.13 2.10
C ARG A 112 5.06 -20.17 3.20
N MET A 113 3.76 -19.93 3.30
CA MET A 113 3.26 -19.02 4.31
C MET A 113 3.78 -19.42 5.68
N HIS A 114 3.99 -20.72 5.84
CA HIS A 114 4.47 -21.28 7.08
C HIS A 114 5.97 -21.08 7.19
N LYS A 115 6.68 -21.54 6.16
CA LYS A 115 8.13 -21.44 6.14
C LYS A 115 8.64 -19.99 6.19
N SER A 116 7.75 -19.04 5.94
CA SER A 116 8.11 -17.63 5.96
C SER A 116 8.22 -17.13 7.38
N ARG A 117 7.95 -18.01 8.33
CA ARG A 117 8.01 -17.67 9.76
C ARG A 117 6.96 -16.60 10.08
N MET A 118 6.04 -16.40 9.15
CA MET A 118 4.99 -15.42 9.36
C MET A 118 3.69 -15.84 8.70
N TYR A 119 3.13 -16.95 9.18
CA TYR A 119 1.87 -17.46 8.66
C TYR A 119 0.70 -16.60 9.18
N SER A 120 0.82 -16.13 10.41
CA SER A 120 -0.20 -15.30 11.04
C SER A 120 -0.62 -14.15 10.14
N GLN A 121 0.28 -13.18 9.98
CA GLN A 121 0.02 -12.01 9.16
C GLN A 121 -0.46 -12.40 7.77
N CYS A 122 0.12 -13.45 7.20
CA CYS A 122 -0.26 -13.87 5.86
C CYS A 122 -1.76 -14.06 5.79
N VAL A 123 -2.32 -14.67 6.83
CA VAL A 123 -3.75 -14.87 6.87
C VAL A 123 -4.48 -13.55 6.74
N ARG A 124 -4.06 -12.56 7.52
CA ARG A 124 -4.68 -11.25 7.49
C ARG A 124 -4.64 -10.66 6.07
N MET A 125 -3.53 -10.85 5.37
CA MET A 125 -3.39 -10.34 4.02
C MET A 125 -4.22 -11.17 3.06
N ARG A 126 -4.47 -12.42 3.42
CA ARG A 126 -5.26 -13.28 2.59
C ARG A 126 -6.71 -13.01 2.90
N HIS A 127 -6.95 -12.26 3.97
CA HIS A 127 -8.29 -11.90 4.40
C HIS A 127 -8.69 -10.66 3.63
N LEU A 128 -7.88 -9.63 3.77
CA LEU A 128 -8.13 -8.36 3.09
C LEU A 128 -8.35 -8.65 1.63
N SER A 129 -7.73 -9.72 1.14
CA SER A 129 -7.85 -10.12 -0.25
C SER A 129 -9.26 -10.62 -0.51
N GLN A 130 -9.64 -11.67 0.19
CA GLN A 130 -10.97 -12.24 0.02
C GLN A 130 -12.06 -11.17 0.14
N GLU A 131 -11.78 -10.12 0.90
CA GLU A 131 -12.73 -9.02 1.07
C GLU A 131 -13.08 -8.36 -0.26
N PHE A 132 -12.08 -8.16 -1.11
CA PHE A 132 -12.31 -7.54 -2.41
C PHE A 132 -13.47 -8.19 -3.14
N GLY A 133 -13.54 -9.51 -3.01
CA GLY A 133 -14.58 -10.27 -3.69
C GLY A 133 -15.93 -10.05 -3.06
N TRP A 134 -15.98 -10.14 -1.74
CA TRP A 134 -17.23 -9.97 -0.98
C TRP A 134 -17.82 -8.59 -1.20
N LEU A 135 -17.00 -7.56 -1.00
CA LEU A 135 -17.42 -6.17 -1.16
C LEU A 135 -17.50 -5.80 -2.63
N GLN A 136 -17.23 -6.78 -3.49
CA GLN A 136 -17.25 -6.55 -4.93
C GLN A 136 -16.53 -5.27 -5.31
N ILE A 137 -15.32 -5.10 -4.79
CA ILE A 137 -14.54 -3.92 -5.09
C ILE A 137 -14.26 -3.82 -6.58
N THR A 138 -14.58 -2.68 -7.18
CA THR A 138 -14.34 -2.48 -8.61
C THR A 138 -12.98 -1.85 -8.87
N PRO A 139 -12.41 -2.10 -10.07
CA PRO A 139 -11.10 -1.55 -10.41
C PRO A 139 -10.99 -0.07 -10.09
N GLN A 140 -11.96 0.72 -10.54
CA GLN A 140 -11.93 2.17 -10.31
C GLN A 140 -11.89 2.46 -8.81
N GLU A 141 -12.67 1.70 -8.06
CA GLU A 141 -12.72 1.89 -6.64
C GLU A 141 -11.35 1.58 -6.03
N PHE A 142 -10.70 0.52 -6.52
CA PHE A 142 -9.38 0.16 -6.03
C PHE A 142 -8.34 1.24 -6.36
N LEU A 143 -8.14 1.49 -7.65
CA LEU A 143 -7.18 2.49 -8.07
C LEU A 143 -7.30 3.76 -7.24
N CYS A 144 -8.53 4.14 -6.92
CA CYS A 144 -8.76 5.34 -6.15
C CYS A 144 -8.39 5.12 -4.66
N MET A 145 -8.87 4.03 -4.11
CA MET A 145 -8.57 3.72 -2.72
C MET A 145 -7.06 3.64 -2.50
N LYS A 146 -6.39 2.84 -3.31
CA LYS A 146 -4.94 2.69 -3.16
C LYS A 146 -4.26 4.07 -3.04
N ALA A 147 -4.70 5.03 -3.85
CA ALA A 147 -4.09 6.35 -3.76
C ALA A 147 -4.31 6.96 -2.38
N LEU A 148 -5.58 7.01 -1.97
CA LEU A 148 -5.94 7.58 -0.68
C LEU A 148 -5.02 7.04 0.40
N LEU A 149 -4.75 5.74 0.34
CA LEU A 149 -3.89 5.09 1.32
C LEU A 149 -2.57 5.83 1.49
N LEU A 150 -2.03 6.35 0.39
CA LEU A 150 -0.77 7.05 0.40
C LEU A 150 -0.76 8.10 1.51
N PHE A 151 -1.81 8.89 1.56
CA PHE A 151 -1.93 9.95 2.55
C PHE A 151 -2.77 9.46 3.72
N SER A 152 -2.45 8.27 4.20
CA SER A 152 -3.21 7.70 5.30
C SER A 152 -2.33 7.34 6.47
N ILE A 153 -1.25 8.08 6.67
CA ILE A 153 -0.35 7.81 7.79
C ILE A 153 0.68 8.93 7.91
N ILE A 154 0.52 9.75 8.95
CA ILE A 154 1.44 10.86 9.21
C ILE A 154 1.80 11.03 10.68
N PRO A 155 2.96 11.63 10.95
CA PRO A 155 3.37 11.83 12.33
C PRO A 155 2.47 12.84 13.04
N VAL A 156 1.96 12.45 14.21
CA VAL A 156 1.08 13.32 15.01
C VAL A 156 1.71 14.69 15.24
N ASP A 157 3.03 14.78 15.05
CA ASP A 157 3.77 16.03 15.21
C ASP A 157 3.37 16.99 14.08
N GLY A 158 3.05 16.42 12.92
CA GLY A 158 2.68 17.24 11.77
C GLY A 158 3.79 17.35 10.75
N LEU A 159 3.42 17.36 9.46
CA LEU A 159 4.38 17.45 8.39
C LEU A 159 5.01 18.84 8.35
N LYS A 160 5.86 19.08 7.36
CA LYS A 160 6.52 20.38 7.24
C LYS A 160 5.63 21.42 6.58
N ASN A 161 4.35 21.07 6.43
CA ASN A 161 3.37 21.96 5.80
C ASN A 161 2.01 21.25 5.75
N GLN A 162 1.43 21.07 6.92
CA GLN A 162 0.16 20.40 7.06
C GLN A 162 -0.91 20.80 6.03
N LYS A 163 -1.21 22.09 5.94
CA LYS A 163 -2.24 22.59 5.02
C LYS A 163 -2.29 21.88 3.65
N PHE A 164 -1.26 22.04 2.84
CA PHE A 164 -1.27 21.38 1.52
C PHE A 164 -1.76 19.94 1.65
N PHE A 165 -1.16 19.20 2.56
CA PHE A 165 -1.52 17.80 2.78
C PHE A 165 -3.03 17.63 2.99
N ASP A 166 -3.54 18.13 4.10
CA ASP A 166 -4.95 17.99 4.39
C ASP A 166 -5.78 18.30 3.17
N GLU A 167 -5.41 19.36 2.47
CA GLU A 167 -6.13 19.78 1.29
C GLU A 167 -6.22 18.63 0.28
N LEU A 168 -5.08 18.05 -0.04
CA LEU A 168 -5.08 16.97 -0.99
C LEU A 168 -5.82 15.76 -0.47
N ARG A 169 -5.50 15.36 0.75
CA ARG A 169 -6.16 14.19 1.33
C ARG A 169 -7.63 14.44 1.25
N MET A 170 -7.99 15.71 1.32
CA MET A 170 -9.38 16.09 1.28
C MET A 170 -9.91 15.83 -0.11
N ASN A 171 -9.30 16.48 -1.10
CA ASN A 171 -9.72 16.35 -2.48
C ASN A 171 -9.79 14.92 -2.94
N TYR A 172 -8.88 14.09 -2.46
CA TYR A 172 -8.92 12.69 -2.84
C TYR A 172 -10.13 11.94 -2.27
N ILE A 173 -10.45 12.15 -1.00
CA ILE A 173 -11.60 11.46 -0.44
C ILE A 173 -12.88 11.76 -1.26
N LYS A 174 -12.91 12.92 -1.90
CA LYS A 174 -14.06 13.30 -2.69
C LYS A 174 -14.12 12.49 -3.95
N GLU A 175 -12.98 12.34 -4.61
CA GLU A 175 -12.97 11.55 -5.83
C GLU A 175 -13.50 10.16 -5.53
N LEU A 176 -13.07 9.60 -4.40
CA LEU A 176 -13.53 8.28 -3.98
C LEU A 176 -15.05 8.34 -3.87
N ASP A 177 -15.54 9.44 -3.30
CA ASP A 177 -16.96 9.64 -3.14
C ASP A 177 -17.60 9.87 -4.49
N ARG A 178 -16.86 10.51 -5.38
CA ARG A 178 -17.35 10.82 -6.72
C ARG A 178 -17.47 9.54 -7.58
N ILE A 179 -16.59 8.58 -7.31
CA ILE A 179 -16.62 7.33 -8.04
C ILE A 179 -17.77 6.48 -7.49
N ILE A 180 -17.89 6.44 -6.17
CA ILE A 180 -18.93 5.67 -5.53
C ILE A 180 -20.28 6.16 -5.99
N ALA A 181 -20.38 7.48 -6.16
CA ALA A 181 -21.63 8.08 -6.58
C ALA A 181 -21.75 8.14 -8.10
N CYS A 182 -21.69 6.97 -8.74
CA CYS A 182 -21.82 6.87 -10.19
C CYS A 182 -22.40 5.52 -10.60
N LYS A 183 -23.69 5.34 -10.32
CA LYS A 183 -24.39 4.10 -10.64
C LYS A 183 -25.89 4.30 -10.49
N ARG A 184 -26.25 5.26 -9.63
CA ARG A 184 -27.64 5.59 -9.35
C ARG A 184 -27.69 6.80 -8.41
N LYS A 185 -28.76 7.59 -8.50
CA LYS A 185 -28.91 8.78 -7.64
C LYS A 185 -29.84 8.56 -6.44
N ASN A 186 -29.22 8.35 -5.28
CA ASN A 186 -29.91 8.13 -4.02
C ASN A 186 -28.90 8.16 -2.87
N PRO A 187 -28.94 9.22 -2.04
CA PRO A 187 -28.04 9.40 -0.88
C PRO A 187 -28.24 8.39 0.24
N THR A 188 -28.54 7.15 -0.13
CA THR A 188 -28.76 6.08 0.85
C THR A 188 -27.66 5.02 0.73
N SER A 189 -27.69 4.26 -0.36
CA SER A 189 -26.69 3.21 -0.61
C SER A 189 -25.30 3.84 -0.69
N CYS A 190 -25.25 5.12 -1.03
CA CYS A 190 -23.98 5.83 -1.11
C CYS A 190 -23.38 5.92 0.27
N SER A 191 -24.17 6.43 1.23
CA SER A 191 -23.74 6.56 2.61
C SER A 191 -23.42 5.18 3.14
N ARG A 192 -23.88 4.17 2.41
CA ARG A 192 -23.64 2.78 2.78
C ARG A 192 -22.33 2.28 2.16
N ARG A 193 -22.24 2.37 0.85
CA ARG A 193 -21.06 1.94 0.12
C ARG A 193 -19.82 2.66 0.65
N PHE A 194 -19.95 3.96 0.86
CA PHE A 194 -18.83 4.75 1.37
C PHE A 194 -18.36 4.20 2.70
N TYR A 195 -19.32 3.94 3.58
CA TYR A 195 -19.02 3.41 4.90
C TYR A 195 -18.23 2.12 4.79
N GLN A 196 -18.56 1.32 3.79
CA GLN A 196 -17.90 0.03 3.59
C GLN A 196 -16.44 0.19 3.27
N LEU A 197 -16.16 0.85 2.16
CA LEU A 197 -14.79 1.06 1.75
C LEU A 197 -13.96 1.70 2.84
N THR A 198 -14.46 2.78 3.42
CA THR A 198 -13.73 3.46 4.46
C THR A 198 -13.25 2.44 5.49
N LYS A 199 -14.13 1.50 5.84
CA LYS A 199 -13.82 0.47 6.82
C LYS A 199 -12.67 -0.34 6.30
N LEU A 200 -12.84 -0.81 5.07
CA LEU A 200 -11.84 -1.63 4.44
C LEU A 200 -10.50 -0.95 4.53
N LEU A 201 -10.45 0.31 4.10
CA LEU A 201 -9.23 1.12 4.15
C LEU A 201 -8.57 1.07 5.55
N ASP A 202 -9.34 1.40 6.58
CA ASP A 202 -8.79 1.41 7.92
C ASP A 202 -8.33 0.04 8.39
N SER A 203 -8.95 -0.99 7.83
CA SER A 203 -8.62 -2.35 8.18
C SER A 203 -7.26 -2.71 7.64
N VAL A 204 -6.68 -1.82 6.84
CA VAL A 204 -5.36 -2.05 6.27
C VAL A 204 -4.28 -1.65 7.27
N GLN A 205 -4.56 -0.60 8.02
CA GLN A 205 -3.61 -0.11 9.01
C GLN A 205 -3.13 -1.20 9.95
N PRO A 206 -4.04 -1.98 10.54
CA PRO A 206 -3.66 -3.05 11.47
C PRO A 206 -2.59 -3.97 10.87
N ILE A 207 -2.92 -4.56 9.72
CA ILE A 207 -1.99 -5.44 9.05
C ILE A 207 -0.65 -4.72 8.88
N ALA A 208 -0.66 -3.54 8.25
CA ALA A 208 0.58 -2.80 8.06
C ALA A 208 1.32 -2.74 9.38
N ARG A 209 0.62 -2.22 10.37
CA ARG A 209 1.17 -2.08 11.70
C ARG A 209 1.81 -3.38 12.14
N GLU A 210 1.22 -4.50 11.71
CA GLU A 210 1.72 -5.79 12.09
C GLU A 210 2.92 -6.17 11.25
N LEU A 211 2.76 -6.06 9.94
CA LEU A 211 3.86 -6.38 9.05
C LEU A 211 5.07 -5.52 9.36
N HIS A 212 4.86 -4.42 10.07
CA HIS A 212 6.00 -3.58 10.39
C HIS A 212 6.86 -4.27 11.44
N GLN A 213 6.30 -4.46 12.62
CA GLN A 213 6.98 -5.11 13.73
C GLN A 213 7.88 -6.27 13.27
N PHE A 214 7.33 -7.11 12.39
CA PHE A 214 8.03 -8.27 11.88
C PHE A 214 9.29 -7.96 11.10
N THR A 215 9.18 -7.02 10.16
CA THR A 215 10.33 -6.64 9.34
C THR A 215 11.40 -5.99 10.18
N PHE A 216 10.99 -5.12 11.09
CA PHE A 216 11.91 -4.42 11.97
C PHE A 216 12.71 -5.46 12.74
N ASP A 217 12.01 -6.32 13.47
CA ASP A 217 12.70 -7.34 14.24
C ASP A 217 13.60 -8.16 13.33
N LEU A 218 13.11 -8.43 12.14
CA LEU A 218 13.88 -9.21 11.19
C LEU A 218 15.16 -8.49 10.84
N LEU A 219 15.11 -7.16 10.87
CA LEU A 219 16.28 -6.36 10.55
C LEU A 219 17.31 -6.50 11.66
N ILE A 220 16.83 -6.67 12.89
CA ILE A 220 17.71 -6.81 14.03
C ILE A 220 18.47 -8.11 13.87
N LYS A 221 17.76 -9.22 14.04
CA LYS A 221 18.35 -10.55 13.91
C LYS A 221 18.59 -10.88 12.45
N SER A 222 18.78 -9.83 11.66
CA SER A 222 19.04 -9.99 10.24
C SER A 222 20.22 -10.93 9.97
N HIS A 223 21.44 -10.43 10.15
CA HIS A 223 22.66 -11.20 9.91
C HIS A 223 22.56 -12.60 10.47
N MET A 224 21.97 -12.72 11.66
CA MET A 224 21.82 -14.02 12.27
C MET A 224 21.16 -15.00 11.32
N VAL A 225 19.87 -14.80 11.06
CA VAL A 225 19.13 -15.67 10.17
C VAL A 225 19.66 -15.62 8.75
N SER A 226 20.69 -14.80 8.56
CA SER A 226 21.33 -14.67 7.25
C SER A 226 20.40 -14.22 6.14
N VAL A 227 19.77 -13.06 6.31
CA VAL A 227 18.86 -12.55 5.30
C VAL A 227 19.33 -11.18 4.81
N ASP A 228 19.66 -11.10 3.52
CA ASP A 228 20.13 -9.84 2.96
C ASP A 228 19.06 -8.72 2.99
N PHE A 229 19.54 -7.48 3.02
CA PHE A 229 18.66 -6.33 3.06
C PHE A 229 19.14 -5.27 2.09
N PRO A 230 18.28 -4.90 1.15
CA PRO A 230 18.60 -3.88 0.15
C PRO A 230 19.04 -2.59 0.85
N GLU A 231 19.95 -1.88 0.21
CA GLU A 231 20.48 -0.63 0.76
C GLU A 231 19.38 0.33 1.17
N MET A 232 18.34 0.40 0.35
CA MET A 232 17.24 1.31 0.63
C MET A 232 16.28 0.72 1.64
N MET A 233 16.07 -0.59 1.61
CA MET A 233 15.16 -1.25 2.53
C MET A 233 15.51 -1.02 3.99
N ALA A 234 16.68 -1.50 4.36
CA ALA A 234 17.16 -1.34 5.72
C ALA A 234 16.99 0.10 6.21
N GLU A 235 17.21 1.06 5.32
CA GLU A 235 17.12 2.47 5.70
C GLU A 235 15.80 2.80 6.36
N ILE A 236 14.71 2.71 5.60
CA ILE A 236 13.38 3.02 6.12
C ILE A 236 13.02 2.25 7.39
N ILE A 237 13.25 0.94 7.34
CA ILE A 237 12.96 0.11 8.49
C ILE A 237 13.71 0.48 9.75
N SER A 238 14.87 1.11 9.62
CA SER A 238 15.66 1.48 10.77
C SER A 238 15.33 2.88 11.26
N VAL A 239 14.73 3.69 10.41
CA VAL A 239 14.43 5.04 10.83
C VAL A 239 12.97 5.36 10.72
N GLN A 240 12.46 5.35 9.49
CA GLN A 240 11.06 5.64 9.27
C GLN A 240 10.12 4.68 10.01
N VAL A 241 10.33 3.38 9.82
CA VAL A 241 9.48 2.40 10.49
C VAL A 241 9.46 2.55 12.02
N PRO A 242 10.63 2.66 12.63
CA PRO A 242 10.69 2.80 14.08
C PRO A 242 9.77 3.90 14.64
N LYS A 243 9.62 4.99 13.89
CA LYS A 243 8.75 6.08 14.28
C LYS A 243 7.31 5.62 14.43
N ILE A 244 6.86 4.77 13.50
CA ILE A 244 5.51 4.23 13.54
C ILE A 244 5.34 3.39 14.80
N LEU A 245 6.43 2.71 15.19
CA LEU A 245 6.41 1.87 16.38
C LEU A 245 6.50 2.74 17.63
N SER A 246 7.44 3.67 17.66
CA SER A 246 7.63 4.57 18.80
C SER A 246 6.38 5.43 19.02
N GLY A 247 5.36 5.27 18.17
CA GLY A 247 4.15 6.05 18.32
C GLY A 247 4.21 7.49 17.78
N LYS A 248 5.40 7.98 17.45
CA LYS A 248 5.52 9.34 16.92
C LYS A 248 4.74 9.58 15.61
N VAL A 249 4.56 8.51 14.83
CA VAL A 249 3.82 8.62 13.59
C VAL A 249 2.63 7.71 13.70
N LYS A 250 1.44 8.23 13.39
CA LYS A 250 0.21 7.45 13.52
C LYS A 250 -0.68 7.52 12.28
N PRO A 251 -1.38 6.41 11.98
CA PRO A 251 -2.28 6.29 10.84
C PRO A 251 -3.47 7.24 10.96
N ILE A 252 -4.28 7.33 9.90
CA ILE A 252 -5.45 8.19 9.86
C ILE A 252 -6.67 7.35 9.57
N TYR A 253 -7.39 6.98 10.64
CA TYR A 253 -8.59 6.17 10.49
C TYR A 253 -9.80 7.05 10.29
N PHE A 254 -10.70 6.63 9.41
CA PHE A 254 -11.91 7.40 9.19
C PHE A 254 -12.78 7.28 10.43
N HIS A 255 -13.00 6.05 10.88
CA HIS A 255 -13.84 5.75 12.04
C HIS A 255 -13.00 5.69 13.29
N THR A 256 -13.32 4.75 14.18
CA THR A 256 -12.57 4.61 15.42
C THR A 256 -12.58 3.14 15.89
N HIS B 1 16.72 10.01 5.00
CA HIS B 1 17.20 9.08 3.94
C HIS B 1 18.23 9.79 3.05
N LYS B 2 18.64 9.12 1.97
CA LYS B 2 19.62 9.68 1.04
C LYS B 2 19.48 9.14 -0.38
N LYS B 3 19.51 7.82 -0.51
CA LYS B 3 19.42 7.15 -1.80
C LYS B 3 18.07 7.20 -2.49
N LEU B 4 17.05 7.70 -1.79
CA LEU B 4 15.72 7.76 -2.37
C LEU B 4 15.33 9.13 -2.88
N LEU B 5 15.68 10.17 -2.12
CA LEU B 5 15.34 11.53 -2.48
C LEU B 5 15.74 11.87 -3.91
N GLN B 6 16.69 11.11 -4.45
CA GLN B 6 17.17 11.32 -5.81
C GLN B 6 16.08 11.01 -6.82
N LEU B 7 15.35 9.92 -6.61
CA LEU B 7 14.30 9.50 -7.51
C LEU B 7 13.16 10.50 -7.57
N LEU B 8 13.00 11.28 -6.50
CA LEU B 8 11.94 12.29 -6.44
C LEU B 8 12.19 13.42 -7.43
N THR B 9 13.42 13.50 -7.94
CA THR B 9 13.81 14.53 -8.90
C THR B 9 13.93 13.94 -10.31
#